data_8CIJ
#
_entry.id   8CIJ
#
_cell.length_a   75.976
_cell.length_b   75.976
_cell.length_c   131.973
_cell.angle_alpha   90.00
_cell.angle_beta   90.00
_cell.angle_gamma   90.00
#
_symmetry.space_group_name_H-M   'P 41 21 2'
#
loop_
_entity.id
_entity.type
_entity.pdbx_description
1 polymer 'Mitogen-activated protein kinase kinase kinase kinase 1'
2 non-polymer 2-[[8-azanyl-7-fluoranyl-6-(8-methyl-2,3-dihydro-1~{H}-pyrido[2,3-b][1,4]oxazin-7-yl)isoquinolin-3-yl]amino]-6-propan-2-yl-5,8-dihydro-4~{H}-pyrazolo[1,5-d][1,4]diazepin-7-one
3 water water
#
_entity_poly.entity_id   1
_entity_poly.type   'polypeptide(L)'
_entity_poly.pdbx_seq_one_letter_code
;MDVVDPDIFNRDPRDHYDLLQRLGGGTYGEVFKARDKVSGDLVALKMVKMEPDDDVSTLQKEILILKTCRHANIVAYHGS
YLWLQKLWICMEFCGAGSLQDIYQVTGSLSELQISYVCREVLQGLAYLHSQKKIHRDIKGANILINDAGEVRLADFGISA
QIGAELARRLEFIGTPYWMAPEVAAVALKGGYNELCDIWSLGITAIELAELQPPLFDVHPLRVLFLMTKSGYQPPRLKEK
GKWSAAFHNFIKVTLTKSPKKRPSATKMLSHQLVSQPGLNRGLILDLLDKLKNPGKGPSIGDIEDEE
;
_entity_poly.pdbx_strand_id   A
#
# COMPACT_ATOMS: atom_id res chain seq x y z
N ARG A 14 -6.20 -24.26 11.20
CA ARG A 14 -6.93 -24.52 12.44
C ARG A 14 -6.23 -25.54 13.32
N ASP A 15 -5.94 -26.74 12.79
CA ASP A 15 -5.24 -27.78 13.55
C ASP A 15 -3.72 -27.55 13.65
N HIS A 16 -3.16 -26.70 12.77
CA HIS A 16 -1.73 -26.42 12.78
C HIS A 16 -1.39 -25.05 13.41
N TYR A 17 -2.31 -24.07 13.28
CA TYR A 17 -2.06 -22.73 13.83
C TYR A 17 -3.02 -22.38 14.96
N ASP A 18 -2.57 -21.52 15.89
CA ASP A 18 -3.36 -21.03 17.03
C ASP A 18 -3.69 -19.57 16.76
N LEU A 19 -4.97 -19.22 16.61
CA LEU A 19 -5.35 -17.83 16.37
C LEU A 19 -5.12 -16.96 17.60
N LEU A 20 -4.72 -15.70 17.41
CA LEU A 20 -4.41 -14.81 18.53
C LEU A 20 -5.07 -13.45 18.50
N GLN A 21 -5.02 -12.72 17.37
CA GLN A 21 -5.57 -11.38 17.33
C GLN A 21 -6.13 -10.97 15.99
N ARG A 22 -7.34 -10.38 15.98
CA ARG A 22 -7.95 -9.90 14.74
C ARG A 22 -7.28 -8.57 14.36
N LEU A 23 -6.78 -8.50 13.13
CA LEU A 23 -6.06 -7.32 12.66
C LEU A 23 -6.83 -6.63 11.55
N GLY A 24 -6.84 -5.32 11.57
CA GLY A 24 -7.52 -4.54 10.54
C GLY A 24 -8.78 -3.86 11.02
N GLY A 25 -9.62 -4.61 11.72
CA GLY A 25 -10.90 -4.09 12.23
C GLY A 25 -11.90 -3.85 11.11
N GLY A 26 -11.89 -4.75 10.13
CA GLY A 26 -12.77 -4.63 8.98
C GLY A 26 -12.10 -4.02 7.77
N THR A 27 -10.97 -3.30 7.99
CA THR A 27 -10.17 -2.62 6.98
C THR A 27 -9.55 -3.67 6.06
N TYR A 28 -8.95 -4.70 6.64
CA TYR A 28 -8.40 -5.80 5.84
C TYR A 28 -9.48 -6.84 5.57
N GLY A 29 -10.33 -7.07 6.57
CA GLY A 29 -11.43 -8.01 6.48
C GLY A 29 -11.41 -8.94 7.66
N GLU A 30 -10.97 -10.17 7.44
CA GLU A 30 -10.90 -11.17 8.49
C GLU A 30 -9.47 -11.65 8.56
N VAL A 31 -8.58 -10.82 9.15
CA VAL A 31 -7.17 -11.16 9.27
C VAL A 31 -6.84 -11.51 10.71
N PHE A 32 -6.02 -12.54 10.89
CA PHE A 32 -5.67 -13.07 12.20
C PHE A 32 -4.18 -13.20 12.41
N LYS A 33 -3.72 -12.87 13.59
CA LYS A 33 -2.33 -13.03 13.97
C LYS A 33 -2.28 -14.43 14.55
N ALA A 34 -1.60 -15.37 13.90
CA ALA A 34 -1.57 -16.76 14.37
C ALA A 34 -0.16 -17.27 14.68
N ARG A 35 -0.06 -18.33 15.52
CA ARG A 35 1.21 -18.97 15.90
C ARG A 35 1.20 -20.43 15.49
N ASP A 36 2.28 -20.89 14.85
CA ASP A 36 2.42 -22.28 14.40
C ASP A 36 2.66 -23.21 15.60
N LYS A 37 2.03 -24.39 15.62
CA LYS A 37 2.23 -25.34 16.72
C LYS A 37 3.56 -26.13 16.58
N VAL A 38 4.08 -26.26 15.33
CA VAL A 38 5.30 -27.02 15.04
C VAL A 38 6.54 -26.11 14.88
N SER A 39 6.33 -24.84 14.54
CA SER A 39 7.42 -23.88 14.35
C SER A 39 7.45 -22.83 15.46
N GLY A 40 6.27 -22.37 15.86
CA GLY A 40 6.11 -21.29 16.83
C GLY A 40 6.17 -19.91 16.20
N ASP A 41 6.40 -19.84 14.88
CA ASP A 41 6.53 -18.61 14.11
C ASP A 41 5.18 -17.92 13.93
N LEU A 42 5.21 -16.59 13.81
CA LEU A 42 3.99 -15.82 13.65
C LEU A 42 3.60 -15.70 12.18
N VAL A 43 2.30 -15.84 11.88
CA VAL A 43 1.76 -15.73 10.52
C VAL A 43 0.50 -14.85 10.50
N ALA A 44 -0.01 -14.52 9.30
CA ALA A 44 -1.25 -13.78 9.13
C ALA A 44 -2.21 -14.67 8.37
N LEU A 45 -3.38 -14.94 8.96
CA LEU A 45 -4.37 -15.77 8.31
C LEU A 45 -5.56 -14.94 7.84
N LYS A 46 -5.76 -14.85 6.52
CA LYS A 46 -6.88 -14.10 5.98
C LYS A 46 -8.02 -15.02 5.53
N MET A 47 -9.21 -14.86 6.12
CA MET A 47 -10.37 -15.66 5.72
C MET A 47 -11.16 -14.97 4.63
N VAL A 48 -11.38 -15.66 3.52
CA VAL A 48 -12.19 -15.13 2.44
C VAL A 48 -13.51 -15.88 2.43
N LYS A 49 -14.62 -15.14 2.57
CA LYS A 49 -16.03 -15.56 2.62
C LYS A 49 -16.30 -17.02 2.19
N ASP A 54 -17.21 -21.13 -4.02
CA ASP A 54 -18.19 -22.20 -3.88
C ASP A 54 -17.74 -23.50 -4.56
N ASP A 55 -16.82 -23.44 -5.53
CA ASP A 55 -16.35 -24.63 -6.23
C ASP A 55 -14.98 -25.10 -5.70
N VAL A 56 -14.74 -26.42 -5.71
CA VAL A 56 -13.50 -27.01 -5.23
C VAL A 56 -12.35 -26.89 -6.24
N SER A 57 -12.58 -27.34 -7.48
CA SER A 57 -11.57 -27.32 -8.55
C SER A 57 -11.09 -25.91 -8.90
N THR A 58 -12.00 -24.92 -8.92
CA THR A 58 -11.63 -23.54 -9.22
C THR A 58 -10.80 -22.91 -8.10
N LEU A 59 -10.99 -23.37 -6.85
CA LEU A 59 -10.27 -22.85 -5.70
C LEU A 59 -8.79 -23.28 -5.71
N GLN A 60 -8.51 -24.53 -6.13
CA GLN A 60 -7.13 -25.03 -6.15
C GLN A 60 -6.28 -24.46 -7.29
N LYS A 61 -6.90 -23.78 -8.27
CA LYS A 61 -6.16 -23.22 -9.39
C LYS A 61 -5.61 -21.82 -9.05
N GLU A 62 -6.42 -21.00 -8.36
CA GLU A 62 -6.04 -19.63 -7.98
C GLU A 62 -4.92 -19.57 -6.93
N ILE A 63 -4.71 -20.65 -6.18
CA ILE A 63 -3.68 -20.68 -5.15
C ILE A 63 -2.28 -20.91 -5.73
N LEU A 64 -2.16 -21.84 -6.70
CA LEU A 64 -0.89 -22.18 -7.35
C LEU A 64 -0.17 -20.97 -7.95
N ILE A 65 -0.91 -19.97 -8.44
CA ILE A 65 -0.31 -18.78 -9.03
C ILE A 65 0.26 -17.80 -7.98
N LEU A 66 -0.08 -17.96 -6.70
CA LEU A 66 0.40 -17.07 -5.65
C LEU A 66 1.79 -17.44 -5.13
N LYS A 67 2.24 -18.68 -5.33
CA LYS A 67 3.54 -19.12 -4.88
C LYS A 67 4.67 -18.59 -5.77
N THR A 68 4.40 -18.42 -7.07
CA THR A 68 5.39 -17.93 -8.02
C THR A 68 5.36 -16.41 -8.12
N ARG A 70 6.14 -13.78 -5.60
CA ARG A 70 7.33 -13.80 -4.76
C ARG A 70 8.32 -12.64 -5.05
N HIS A 71 8.24 -11.58 -4.26
CA HIS A 71 9.12 -10.41 -4.39
C HIS A 71 9.57 -9.90 -2.99
N ALA A 72 10.65 -9.11 -2.93
CA ALA A 72 11.17 -8.56 -1.68
C ALA A 72 10.20 -7.55 -1.04
N ASN A 73 9.45 -6.83 -1.88
CA ASN A 73 8.52 -5.83 -1.41
C ASN A 73 7.07 -6.28 -1.45
N ILE A 74 6.83 -7.61 -1.43
CA ILE A 74 5.49 -8.19 -1.42
C ILE A 74 5.43 -9.20 -0.28
N VAL A 75 4.34 -9.18 0.51
CA VAL A 75 4.15 -10.12 1.63
C VAL A 75 4.07 -11.53 1.07
N ALA A 76 4.96 -12.41 1.52
CA ALA A 76 5.05 -13.77 1.01
C ALA A 76 3.91 -14.70 1.40
N TYR A 77 3.48 -15.51 0.42
CA TYR A 77 2.46 -16.54 0.54
C TYR A 77 3.07 -17.73 1.30
N HIS A 78 2.27 -18.42 2.12
CA HIS A 78 2.76 -19.57 2.88
C HIS A 78 1.97 -20.84 2.56
N GLY A 79 0.67 -20.69 2.41
CA GLY A 79 -0.24 -21.79 2.14
C GLY A 79 -1.69 -21.37 2.12
N SER A 80 -2.59 -22.33 1.85
CA SER A 80 -4.02 -22.06 1.81
C SER A 80 -4.80 -23.21 2.44
N TYR A 81 -5.94 -22.89 3.08
CA TYR A 81 -6.77 -23.93 3.72
C TYR A 81 -8.25 -23.79 3.40
N LEU A 82 -8.86 -24.78 2.75
CA LEU A 82 -10.29 -24.76 2.47
C LEU A 82 -11.00 -25.57 3.55
N TRP A 83 -11.56 -24.90 4.56
CA TRP A 83 -12.26 -25.59 5.64
C TRP A 83 -13.63 -25.00 5.95
N LEU A 84 -14.64 -25.87 5.98
CA LEU A 84 -16.04 -25.52 6.24
C LEU A 84 -16.50 -24.22 5.55
N GLN A 85 -16.39 -24.16 4.21
CA GLN A 85 -16.75 -23.05 3.33
C GLN A 85 -15.96 -21.75 3.58
N LYS A 86 -14.80 -21.84 4.24
CA LYS A 86 -13.94 -20.68 4.52
C LYS A 86 -12.57 -20.91 3.89
N LEU A 87 -12.00 -19.89 3.25
CA LEU A 87 -10.68 -20.01 2.65
C LEU A 87 -9.64 -19.31 3.52
N TRP A 88 -8.58 -20.01 3.92
CA TRP A 88 -7.55 -19.45 4.78
C TRP A 88 -6.24 -19.13 4.10
N ILE A 89 -6.09 -17.90 3.60
CA ILE A 89 -4.87 -17.46 2.93
C ILE A 89 -3.80 -17.15 3.97
N CYS A 90 -2.71 -17.92 3.97
CA CYS A 90 -1.64 -17.72 4.94
C CYS A 90 -0.51 -16.87 4.39
N MET A 91 -0.10 -15.86 5.16
CA MET A 91 0.94 -14.91 4.77
C MET A 91 1.95 -14.67 5.93
N GLU A 92 2.98 -13.84 5.69
CA GLU A 92 3.96 -13.52 6.74
C GLU A 92 3.42 -12.40 7.66
N PHE A 93 3.80 -12.41 8.95
CA PHE A 93 3.32 -11.40 9.88
C PHE A 93 4.29 -10.25 10.03
N CYS A 94 3.83 -9.05 9.66
CA CYS A 94 4.65 -7.84 9.79
C CYS A 94 4.30 -7.28 11.13
N GLY A 95 5.21 -7.45 12.08
CA GLY A 95 5.05 -7.07 13.47
C GLY A 95 4.59 -5.66 13.76
N ALA A 96 5.13 -4.68 13.05
CA ALA A 96 4.78 -3.28 13.30
C ALA A 96 3.42 -2.84 12.77
N GLY A 97 2.88 -3.59 11.82
CA GLY A 97 1.61 -3.26 11.19
C GLY A 97 1.82 -2.43 9.95
N SER A 98 0.84 -1.58 9.64
CA SER A 98 0.92 -0.73 8.47
C SER A 98 1.61 0.57 8.84
N LEU A 99 2.01 1.36 7.85
CA LEU A 99 2.60 2.67 8.10
C LEU A 99 1.59 3.57 8.84
N GLN A 100 0.28 3.40 8.57
CA GLN A 100 -0.72 4.18 9.28
C GLN A 100 -0.71 3.91 10.77
N ASP A 101 -0.65 2.64 11.17
CA ASP A 101 -0.57 2.25 12.59
C ASP A 101 0.68 2.83 13.23
N ILE A 102 1.79 2.86 12.49
CA ILE A 102 3.05 3.41 12.93
C ILE A 102 2.97 4.93 13.11
N TYR A 103 2.48 5.67 12.10
CA TYR A 103 2.45 7.12 12.21
C TYR A 103 1.42 7.62 13.22
N GLN A 104 0.38 6.83 13.56
CA GLN A 104 -0.56 7.22 14.61
C GLN A 104 0.16 7.29 16.01
N VAL A 105 1.40 6.81 16.11
CA VAL A 105 2.17 6.78 17.32
C VAL A 105 3.44 7.65 17.16
N THR A 106 4.12 7.52 16.02
CA THR A 106 5.36 8.26 15.79
C THR A 106 5.19 9.66 15.24
N GLY A 107 4.00 9.96 14.73
CA GLY A 107 3.79 11.21 14.04
C GLY A 107 4.29 11.11 12.62
N SER A 108 4.44 12.25 11.94
CA SER A 108 4.86 12.26 10.54
C SER A 108 6.26 11.66 10.35
N LEU A 109 6.49 11.12 9.15
CA LEU A 109 7.79 10.52 8.82
C LEU A 109 8.74 11.59 8.30
N SER A 110 10.03 11.36 8.45
CA SER A 110 11.05 12.24 7.92
C SER A 110 11.01 12.22 6.38
N GLU A 111 11.62 13.22 5.72
CA GLU A 111 11.68 13.22 4.27
C GLU A 111 12.42 11.98 3.73
N LEU A 112 13.49 11.55 4.42
CA LEU A 112 14.23 10.37 4.00
C LEU A 112 13.49 9.07 4.28
N GLN A 113 12.66 9.05 5.33
CA GLN A 113 11.87 7.87 5.66
C GLN A 113 10.82 7.69 4.56
N ILE A 114 10.12 8.78 4.20
CA ILE A 114 9.13 8.77 3.14
C ILE A 114 9.79 8.39 1.82
N SER A 115 10.98 8.95 1.54
CA SER A 115 11.76 8.67 0.33
C SER A 115 12.03 7.18 0.15
N TYR A 116 12.54 6.53 1.23
CA TYR A 116 12.83 5.10 1.26
C TYR A 116 11.55 4.29 1.10
N VAL A 117 10.47 4.73 1.76
CA VAL A 117 9.19 4.04 1.65
C VAL A 117 8.65 4.10 0.22
N CYS A 118 8.85 5.22 -0.47
CA CYS A 118 8.39 5.38 -1.84
C CYS A 118 9.16 4.48 -2.78
N ARG A 119 10.48 4.36 -2.59
CA ARG A 119 11.34 3.51 -3.44
C ARG A 119 10.93 2.05 -3.30
N GLU A 120 10.70 1.61 -2.07
CA GLU A 120 10.28 0.25 -1.79
C GLU A 120 8.92 -0.03 -2.38
N VAL A 121 7.94 0.87 -2.20
CA VAL A 121 6.61 0.69 -2.79
C VAL A 121 6.72 0.64 -4.33
N LEU A 122 7.52 1.54 -4.94
CA LEU A 122 7.76 1.61 -6.38
C LEU A 122 8.40 0.33 -6.91
N GLN A 123 9.23 -0.33 -6.10
CA GLN A 123 9.83 -1.60 -6.52
C GLN A 123 8.75 -2.71 -6.54
N GLY A 124 7.85 -2.70 -5.57
CA GLY A 124 6.76 -3.66 -5.49
C GLY A 124 5.76 -3.47 -6.61
N LEU A 125 5.46 -2.20 -6.94
CA LEU A 125 4.55 -1.85 -8.03
C LEU A 125 5.17 -2.20 -9.39
N ALA A 126 6.49 -2.08 -9.53
CA ALA A 126 7.17 -2.46 -10.77
C ALA A 126 6.97 -3.97 -11.03
N TYR A 127 7.04 -4.80 -9.97
CA TYR A 127 6.82 -6.23 -10.07
C TYR A 127 5.34 -6.50 -10.36
N LEU A 128 4.42 -5.94 -9.55
CA LEU A 128 2.98 -6.12 -9.74
C LEU A 128 2.53 -5.76 -11.16
N HIS A 129 2.89 -4.57 -11.65
CA HIS A 129 2.54 -4.10 -12.99
C HIS A 129 3.18 -4.94 -14.08
N SER A 130 4.37 -5.53 -13.82
CA SER A 130 5.00 -6.40 -14.79
C SER A 130 4.16 -7.68 -14.93
N GLN A 131 3.54 -8.18 -13.82
CA GLN A 131 2.66 -9.37 -13.83
C GLN A 131 1.23 -9.04 -14.30
N LYS A 132 1.04 -7.88 -14.97
CA LYS A 132 -0.26 -7.39 -15.46
C LYS A 132 -1.30 -7.28 -14.33
N LYS A 133 -0.84 -6.86 -13.13
CA LYS A 133 -1.69 -6.69 -11.96
C LYS A 133 -1.74 -5.21 -11.56
N ILE A 134 -2.85 -4.78 -10.97
CA ILE A 134 -2.99 -3.41 -10.49
C ILE A 134 -3.43 -3.50 -9.04
N HIS A 135 -2.63 -2.96 -8.13
CA HIS A 135 -2.95 -3.04 -6.71
C HIS A 135 -4.27 -2.37 -6.37
N ARG A 136 -4.42 -1.13 -6.84
CA ARG A 136 -5.62 -0.27 -6.72
C ARG A 136 -5.97 0.26 -5.32
N ASP A 137 -5.15 -0.02 -4.32
CA ASP A 137 -5.43 0.45 -2.97
C ASP A 137 -4.20 1.01 -2.27
N ILE A 138 -3.22 1.46 -3.03
CA ILE A 138 -2.03 2.01 -2.43
C ILE A 138 -2.35 3.16 -1.50
N LYS A 139 -2.19 2.91 -0.21
CA LYS A 139 -2.45 3.92 0.83
C LYS A 139 -1.62 3.54 2.08
N GLY A 140 -1.45 4.48 3.00
CA GLY A 140 -0.68 4.28 4.22
C GLY A 140 -1.01 3.00 4.98
N ALA A 141 -2.29 2.69 5.16
CA ALA A 141 -2.72 1.50 5.87
C ALA A 141 -2.52 0.19 5.12
N ASN A 142 -2.08 0.24 3.87
CA ASN A 142 -1.88 -0.96 3.08
C ASN A 142 -0.43 -1.24 2.74
N ILE A 143 0.51 -0.49 3.36
CA ILE A 143 1.95 -0.64 3.19
C ILE A 143 2.41 -1.18 4.53
N LEU A 144 2.72 -2.47 4.61
CA LEU A 144 3.12 -3.09 5.86
C LEU A 144 4.62 -2.97 6.14
N ILE A 145 4.99 -2.88 7.41
CA ILE A 145 6.39 -2.80 7.82
C ILE A 145 6.66 -3.95 8.78
N ASN A 146 7.50 -4.92 8.37
CA ASN A 146 7.85 -6.01 9.27
C ASN A 146 8.89 -5.51 10.29
N ASP A 147 9.09 -6.32 11.35
CA ASP A 147 10.03 -6.05 12.45
C ASP A 147 11.45 -5.76 11.90
N ALA A 148 11.82 -6.41 10.79
CA ALA A 148 13.11 -6.23 10.13
C ALA A 148 13.27 -4.90 9.40
N GLY A 149 12.30 -3.98 9.52
CA GLY A 149 12.39 -2.69 8.85
C GLY A 149 12.15 -2.73 7.36
N GLU A 150 11.50 -3.80 6.87
CA GLU A 150 11.22 -3.98 5.45
C GLU A 150 9.80 -3.58 5.07
N VAL A 151 9.68 -2.93 3.91
CA VAL A 151 8.43 -2.42 3.38
C VAL A 151 7.79 -3.45 2.46
N ARG A 152 6.56 -3.89 2.76
CA ARG A 152 5.87 -4.86 1.92
C ARG A 152 4.43 -4.49 1.58
N LEU A 153 4.03 -4.75 0.34
CA LEU A 153 2.68 -4.58 -0.16
C LEU A 153 1.98 -5.94 -0.14
N ALA A 154 0.64 -5.97 -0.30
CA ALA A 154 -0.07 -7.24 -0.37
C ALA A 154 -0.66 -7.51 -1.77
N ASP A 155 -0.27 -8.64 -2.39
CA ASP A 155 -0.75 -9.03 -3.73
C ASP A 155 -1.94 -9.99 -3.62
N PHE A 156 -3.13 -9.58 -4.09
CA PHE A 156 -4.34 -10.43 -4.03
C PHE A 156 -4.96 -10.70 -5.40
N ARG A 169 -20.02 -11.21 -6.87
CA ARG A 169 -19.88 -9.79 -6.50
C ARG A 169 -18.74 -9.59 -5.49
N LEU A 170 -17.71 -8.82 -5.87
CA LEU A 170 -16.59 -8.57 -4.96
C LEU A 170 -16.52 -7.11 -4.51
N GLU A 171 -15.96 -6.90 -3.31
CA GLU A 171 -15.79 -5.63 -2.61
C GLU A 171 -15.10 -4.62 -3.51
N PHE A 172 -15.73 -3.45 -3.75
CA PHE A 172 -15.09 -2.42 -4.59
C PHE A 172 -13.77 -1.94 -3.93
N ILE A 173 -12.65 -2.18 -4.62
CA ILE A 173 -11.32 -1.83 -4.13
C ILE A 173 -10.96 -0.42 -4.54
N GLY A 174 -10.66 0.41 -3.55
CA GLY A 174 -10.29 1.78 -3.82
C GLY A 174 -10.79 2.69 -2.72
N THR A 175 -10.00 3.70 -2.37
CA THR A 175 -10.39 4.62 -1.31
C THR A 175 -10.43 6.00 -1.92
N PRO A 176 -11.62 6.63 -1.97
CA PRO A 176 -11.76 7.95 -2.60
C PRO A 176 -10.56 8.93 -2.54
N TYR A 177 -10.05 9.30 -1.37
CA TYR A 177 -8.95 10.26 -1.28
C TYR A 177 -7.69 9.88 -2.00
N TRP A 178 -7.43 8.59 -2.17
CA TRP A 178 -6.22 8.11 -2.85
C TRP A 178 -6.46 7.77 -4.33
N MET A 179 -7.63 8.14 -4.90
CA MET A 179 -7.92 7.83 -6.29
C MET A 179 -7.30 8.79 -7.30
N ALA A 180 -6.77 8.22 -8.37
CA ALA A 180 -6.23 8.98 -9.49
C ALA A 180 -7.44 9.60 -10.23
N PRO A 181 -7.27 10.71 -10.97
CA PRO A 181 -8.43 11.34 -11.63
C PRO A 181 -9.12 10.41 -12.61
N GLU A 182 -8.34 9.55 -13.32
CA GLU A 182 -8.94 8.61 -14.27
C GLU A 182 -9.70 7.45 -13.60
N VAL A 183 -9.52 7.27 -12.30
CA VAL A 183 -10.19 6.27 -11.50
C VAL A 183 -11.43 6.88 -10.88
N ALA A 184 -11.37 8.14 -10.46
CA ALA A 184 -12.52 8.84 -9.93
C ALA A 184 -13.52 9.05 -11.08
N ALA A 185 -13.04 9.55 -12.25
CA ALA A 185 -13.86 9.80 -13.42
C ALA A 185 -14.47 8.56 -14.00
N VAL A 186 -13.89 7.38 -13.74
CA VAL A 186 -14.37 6.07 -14.19
C VAL A 186 -15.91 5.91 -13.94
N ALA A 187 -16.42 6.60 -12.90
CA ALA A 187 -17.83 6.60 -12.58
C ALA A 187 -18.69 7.40 -13.58
N LEU A 188 -18.16 7.72 -14.77
CA LEU A 188 -18.91 8.40 -15.83
C LEU A 188 -18.36 8.01 -17.22
N LYS A 189 -17.02 8.15 -17.40
CA LYS A 189 -16.33 7.83 -18.65
C LYS A 189 -15.11 6.92 -18.38
N GLY A 190 -15.39 5.62 -18.36
CA GLY A 190 -14.43 4.56 -18.06
C GLY A 190 -13.14 4.51 -18.85
N GLY A 191 -12.09 4.03 -18.16
CA GLY A 191 -10.75 3.85 -18.71
C GLY A 191 -9.61 4.15 -17.74
N TYR A 192 -9.10 3.12 -17.01
CA TYR A 192 -7.91 3.27 -16.16
C TYR A 192 -6.90 2.11 -16.36
N ASN A 193 -5.63 2.33 -16.01
CA ASN A 193 -4.60 1.31 -16.14
C ASN A 193 -3.66 1.27 -14.91
N GLU A 194 -2.57 0.51 -14.98
CA GLU A 194 -1.62 0.36 -13.87
C GLU A 194 -1.01 1.67 -13.36
N LEU A 195 -1.10 2.75 -14.16
CA LEU A 195 -0.54 4.03 -13.75
C LEU A 195 -1.28 4.70 -12.59
N CYS A 196 -2.43 4.15 -12.14
CA CYS A 196 -3.13 4.73 -10.99
C CYS A 196 -2.34 4.53 -9.71
N ASP A 197 -1.63 3.40 -9.59
CA ASP A 197 -0.83 3.11 -8.42
C ASP A 197 0.28 4.13 -8.17
N ILE A 198 0.71 4.86 -9.24
CA ILE A 198 1.73 5.91 -9.17
C ILE A 198 1.11 7.15 -8.51
N TRP A 199 -0.15 7.48 -8.88
CA TRP A 199 -0.89 8.59 -8.29
C TRP A 199 -1.16 8.26 -6.80
N SER A 200 -1.64 7.04 -6.50
CA SER A 200 -1.90 6.61 -5.12
C SER A 200 -0.62 6.73 -4.26
N LEU A 201 0.55 6.37 -4.82
CA LEU A 201 1.80 6.51 -4.09
C LEU A 201 2.12 7.99 -3.81
N GLY A 202 1.79 8.87 -4.77
CA GLY A 202 1.94 10.30 -4.59
C GLY A 202 1.11 10.81 -3.43
N ILE A 203 -0.19 10.38 -3.36
CA ILE A 203 -1.07 10.75 -2.25
C ILE A 203 -0.57 10.22 -0.92
N THR A 204 -0.06 8.99 -0.93
CA THR A 204 0.53 8.33 0.23
C THR A 204 1.81 9.04 0.72
N ALA A 205 2.57 9.66 -0.18
CA ALA A 205 3.78 10.39 0.24
C ALA A 205 3.35 11.63 1.06
N ILE A 206 2.33 12.36 0.57
CA ILE A 206 1.75 13.52 1.25
C ILE A 206 1.12 13.03 2.58
N GLU A 207 0.46 11.87 2.55
CA GLU A 207 -0.14 11.24 3.72
C GLU A 207 0.89 10.98 4.79
N LEU A 208 2.02 10.35 4.45
CA LEU A 208 3.06 10.04 5.43
C LEU A 208 3.71 11.29 6.03
N ALA A 209 3.61 12.43 5.33
CA ALA A 209 4.21 13.69 5.76
C ALA A 209 3.25 14.50 6.61
N GLU A 210 1.95 14.49 6.30
CA GLU A 210 0.99 15.32 7.01
C GLU A 210 -0.05 14.55 7.82
N LEU A 211 0.12 13.22 7.99
CA LEU A 211 -0.76 12.31 8.73
C LEU A 211 -2.18 12.16 8.16
N GLN A 212 -2.46 12.76 7.01
CA GLN A 212 -3.77 12.72 6.37
C GLN A 212 -3.57 12.99 4.87
N PRO A 213 -4.35 12.35 3.98
CA PRO A 213 -4.24 12.66 2.56
C PRO A 213 -4.80 14.08 2.28
N PRO A 214 -4.46 14.67 1.12
CA PRO A 214 -5.06 15.98 0.78
C PRO A 214 -6.56 15.83 0.63
N LEU A 215 -7.28 16.84 1.06
CA LEU A 215 -8.73 16.89 0.99
C LEU A 215 -9.42 15.90 1.90
N PHE A 216 -8.75 15.40 2.95
CA PHE A 216 -9.39 14.47 3.89
C PHE A 216 -10.67 15.04 4.52
N ASP A 217 -10.71 16.38 4.66
CA ASP A 217 -11.80 17.16 5.22
C ASP A 217 -12.96 17.42 4.25
N VAL A 218 -12.78 17.09 2.96
CA VAL A 218 -13.78 17.35 1.92
C VAL A 218 -14.57 16.09 1.54
N HIS A 219 -15.89 16.25 1.23
CA HIS A 219 -16.84 15.22 0.78
C HIS A 219 -16.21 14.39 -0.32
N PRO A 220 -16.22 13.05 -0.22
CA PRO A 220 -15.54 12.23 -1.23
C PRO A 220 -16.10 12.38 -2.63
N LEU A 221 -17.42 12.59 -2.79
CA LEU A 221 -17.95 12.83 -4.14
C LEU A 221 -17.45 14.18 -4.65
N ARG A 222 -17.30 15.19 -3.76
CA ARG A 222 -16.82 16.52 -4.15
C ARG A 222 -15.36 16.46 -4.56
N VAL A 223 -14.53 15.66 -3.85
CA VAL A 223 -13.12 15.49 -4.19
C VAL A 223 -13.04 14.90 -5.59
N LEU A 224 -13.77 13.80 -5.80
CA LEU A 224 -13.81 13.08 -7.06
C LEU A 224 -14.67 13.76 -8.16
N PHE A 225 -15.21 14.92 -7.86
CA PHE A 225 -16.00 15.72 -8.77
C PHE A 225 -15.18 16.90 -9.25
N LEU A 226 -14.36 17.49 -8.35
CA LEU A 226 -13.46 18.59 -8.69
C LEU A 226 -12.34 18.12 -9.64
N MET A 227 -11.95 16.81 -9.56
CA MET A 227 -10.97 16.17 -10.45
C MET A 227 -11.52 16.10 -11.86
N THR A 228 -12.83 15.88 -12.01
CA THR A 228 -13.51 15.78 -13.30
C THR A 228 -13.82 17.15 -13.95
N LYS A 229 -13.51 18.27 -13.29
CA LYS A 229 -13.76 19.60 -13.87
C LYS A 229 -12.49 20.26 -14.40
N SER A 230 -12.65 21.26 -15.28
CA SER A 230 -11.53 21.99 -15.87
C SER A 230 -10.81 22.85 -14.81
N GLY A 231 -9.54 23.19 -15.09
CA GLY A 231 -8.74 23.98 -14.17
C GLY A 231 -8.30 23.24 -12.91
N TYR A 232 -8.60 21.91 -12.82
CA TYR A 232 -8.26 21.08 -11.66
C TYR A 232 -6.77 21.13 -11.37
N GLN A 233 -6.43 21.41 -10.12
CA GLN A 233 -5.04 21.47 -9.69
C GLN A 233 -4.70 20.29 -8.78
N PRO A 234 -3.79 19.39 -9.21
CA PRO A 234 -3.39 18.27 -8.35
C PRO A 234 -2.79 18.76 -7.04
N PRO A 235 -2.93 17.98 -5.96
CA PRO A 235 -2.45 18.47 -4.66
C PRO A 235 -0.93 18.53 -4.45
N ARG A 236 -0.53 19.34 -3.47
CA ARG A 236 0.88 19.53 -3.08
C ARG A 236 0.97 19.49 -1.53
N LEU A 237 2.20 19.49 -0.99
CA LEU A 237 2.40 19.52 0.44
C LEU A 237 2.00 20.93 0.95
N LYS A 238 1.33 21.03 2.10
CA LYS A 238 0.90 22.31 2.65
C LYS A 238 2.09 23.25 2.94
N GLU A 239 3.15 22.73 3.61
CA GLU A 239 4.30 23.57 3.94
C GLU A 239 5.37 23.47 2.88
N LYS A 240 5.68 24.57 2.21
CA LYS A 240 6.70 24.58 1.18
C LYS A 240 8.10 24.48 1.79
N GLY A 241 8.35 25.25 2.85
CA GLY A 241 9.63 25.33 3.54
C GLY A 241 10.14 24.09 4.29
N LYS A 242 9.25 23.14 4.59
CA LYS A 242 9.62 21.94 5.35
C LYS A 242 10.28 20.86 4.48
N TRP A 243 10.10 20.92 3.14
CA TRP A 243 10.58 19.88 2.23
C TRP A 243 11.50 20.39 1.13
N SER A 244 12.29 19.47 0.55
CA SER A 244 13.23 19.76 -0.53
C SER A 244 12.50 19.89 -1.88
N ALA A 245 13.20 20.41 -2.91
CA ALA A 245 12.60 20.54 -4.24
C ALA A 245 12.41 19.18 -4.92
N ALA A 246 13.22 18.16 -4.56
CA ALA A 246 13.12 16.82 -5.10
C ALA A 246 11.87 16.15 -4.59
N PHE A 247 11.52 16.35 -3.29
CA PHE A 247 10.27 15.79 -2.74
C PHE A 247 9.09 16.49 -3.39
N HIS A 248 9.18 17.82 -3.58
CA HIS A 248 8.17 18.61 -4.25
C HIS A 248 7.99 18.19 -5.72
N ASN A 249 9.08 17.80 -6.39
CA ASN A 249 9.01 17.35 -7.77
C ASN A 249 8.44 15.95 -7.84
N PHE A 250 8.76 15.08 -6.88
CA PHE A 250 8.22 13.71 -6.83
C PHE A 250 6.70 13.76 -6.74
N ILE A 251 6.17 14.70 -5.95
CA ILE A 251 4.75 14.92 -5.77
C ILE A 251 4.14 15.49 -7.06
N LYS A 252 4.85 16.39 -7.74
CA LYS A 252 4.37 16.97 -8.98
C LYS A 252 4.30 15.94 -10.11
N VAL A 253 5.32 15.08 -10.19
CA VAL A 253 5.48 14.06 -11.21
C VAL A 253 4.52 12.89 -11.00
N THR A 254 4.45 12.35 -9.78
CA THR A 254 3.53 11.25 -9.46
C THR A 254 2.07 11.70 -9.55
N LEU A 255 1.79 12.98 -9.22
CA LEU A 255 0.43 13.47 -9.29
C LEU A 255 0.13 14.20 -10.58
N THR A 256 0.51 13.58 -11.71
CA THR A 256 0.25 14.13 -13.04
C THR A 256 -1.20 13.82 -13.35
N LYS A 257 -2.02 14.84 -13.66
CA LYS A 257 -3.44 14.62 -13.96
C LYS A 257 -3.65 13.64 -15.10
N SER A 258 -2.81 13.76 -16.15
CA SER A 258 -2.92 12.89 -17.30
C SER A 258 -2.25 11.55 -17.09
N PRO A 259 -2.99 10.44 -17.27
CA PRO A 259 -2.37 9.11 -17.14
C PRO A 259 -1.30 8.89 -18.20
N LYS A 260 -1.55 9.36 -19.43
CA LYS A 260 -0.59 9.26 -20.53
C LYS A 260 0.79 9.89 -20.19
N LYS A 261 0.81 10.97 -19.37
CA LYS A 261 2.06 11.64 -18.98
C LYS A 261 2.62 11.17 -17.62
N ARG A 262 1.88 10.36 -16.87
CA ARG A 262 2.33 9.89 -15.56
C ARG A 262 3.34 8.77 -15.71
N PRO A 263 4.52 8.91 -15.08
CA PRO A 263 5.57 7.90 -15.27
C PRO A 263 5.28 6.50 -14.72
N SER A 264 5.93 5.51 -15.32
CA SER A 264 5.81 4.11 -14.92
C SER A 264 6.56 3.89 -13.60
N ALA A 265 6.29 2.77 -12.91
CA ALA A 265 6.99 2.45 -11.67
C ALA A 265 8.52 2.41 -11.84
N THR A 266 8.98 1.83 -12.96
CA THR A 266 10.41 1.74 -13.26
C THR A 266 11.02 3.13 -13.56
N LYS A 267 10.26 3.98 -14.27
CA LYS A 267 10.70 5.34 -14.57
C LYS A 267 10.82 6.15 -13.28
N MET A 268 9.88 5.97 -12.35
CA MET A 268 9.91 6.66 -11.08
C MET A 268 11.08 6.26 -10.22
N LEU A 269 11.54 5.01 -10.35
CA LEU A 269 12.67 4.53 -9.56
C LEU A 269 13.96 5.31 -9.80
N SER A 270 14.09 5.94 -10.99
CA SER A 270 15.25 6.76 -11.30
C SER A 270 15.04 8.24 -10.93
N HIS A 271 14.01 8.57 -10.14
CA HIS A 271 13.77 9.95 -9.74
C HIS A 271 14.70 10.30 -8.60
N GLN A 272 15.28 11.51 -8.64
CA GLN A 272 16.20 12.09 -7.65
C GLN A 272 15.87 11.70 -6.19
N LEU A 273 14.59 11.80 -5.80
CA LEU A 273 14.15 11.50 -4.46
C LEU A 273 14.36 10.04 -4.06
N VAL A 274 13.84 9.07 -4.83
CA VAL A 274 13.99 7.67 -4.45
C VAL A 274 15.34 7.05 -4.91
N SER A 275 16.12 7.77 -5.73
CA SER A 275 17.45 7.31 -6.13
C SER A 275 18.57 8.01 -5.33
N GLN A 276 18.24 8.57 -4.14
CA GLN A 276 19.21 9.20 -3.24
C GLN A 276 20.09 8.09 -2.64
N PRO A 277 21.33 8.42 -2.24
CA PRO A 277 22.24 7.37 -1.75
C PRO A 277 22.04 6.91 -0.30
N GLY A 278 21.52 7.79 0.57
CA GLY A 278 21.38 7.46 1.98
C GLY A 278 20.20 6.56 2.33
N LEU A 279 19.40 6.20 1.34
CA LEU A 279 18.20 5.40 1.55
C LEU A 279 18.47 3.95 1.87
N ASN A 280 18.31 3.59 3.15
CA ASN A 280 18.50 2.22 3.64
C ASN A 280 17.47 1.85 4.68
N ARG A 281 17.28 0.55 4.91
CA ARG A 281 16.35 -0.06 5.87
C ARG A 281 16.50 0.47 7.32
N GLY A 282 17.66 1.04 7.64
CA GLY A 282 17.96 1.64 8.93
C GLY A 282 17.06 2.81 9.27
N LEU A 283 16.63 3.56 8.24
CA LEU A 283 15.68 4.66 8.39
C LEU A 283 14.37 4.17 9.03
N ILE A 284 13.96 2.94 8.68
CA ILE A 284 12.78 2.32 9.22
C ILE A 284 13.10 1.64 10.56
N LEU A 285 14.34 1.17 10.79
CA LEU A 285 14.72 0.66 12.13
C LEU A 285 14.75 1.78 13.18
N ASP A 286 14.93 3.04 12.71
CA ASP A 286 14.89 4.22 13.57
C ASP A 286 13.44 4.52 13.92
N LEU A 287 12.55 4.53 12.91
CA LEU A 287 11.13 4.77 13.05
C LEU A 287 10.51 3.71 13.98
N LEU A 288 10.88 2.44 13.80
CA LEU A 288 10.38 1.35 14.63
C LEU A 288 10.81 1.48 16.09
N ASP A 289 11.93 2.19 16.35
CA ASP A 289 12.41 2.46 17.69
C ASP A 289 11.55 3.55 18.35
N LYS A 290 11.13 4.57 17.58
CA LYS A 290 10.25 5.63 18.07
C LYS A 290 8.87 5.05 18.42
N LEU A 291 8.42 4.02 17.65
CA LEU A 291 7.18 3.29 17.88
C LEU A 291 7.25 2.56 19.24
N LYS A 292 8.43 2.02 19.60
CA LYS A 292 8.66 1.33 20.87
C LYS A 292 8.69 2.30 22.05
N ASN A 293 9.38 3.44 21.92
CA ASN A 293 9.48 4.42 23.01
C ASN A 293 9.69 5.86 22.54
N PRO A 294 8.59 6.63 22.39
CA PRO A 294 8.73 8.04 21.98
C PRO A 294 8.89 9.01 23.16
#